data_3W77
#
_entry.id   3W77
#
_cell.length_a   57.323
_cell.length_b   69.589
_cell.length_c   105.193
_cell.angle_alpha   90.000
_cell.angle_beta   90.000
_cell.angle_gamma   90.000
#
_symmetry.space_group_name_H-M   'P 21 21 21'
#
loop_
_entity.id
_entity.type
_entity.pdbx_description
1 polymer 'FMN-dependent NADH-azoreductase'
2 non-polymer 'FLAVIN MONONUCLEOTIDE'
3 water water
#
_entity_poly.entity_id   1
_entity_poly.type   'polypeptide(L)'
_entity_poly.pdbx_seq_one_letter_code
;MATVLFVKANNRPAEQAVSVKLYEAFLANYKEAHPNDTVVELDLYKEELPYVGVDMINGTFKAGKGFDLTEEEAKAVAVA
DKYLNQFLEADKVVFGFPLWNLTIPAVLHTYIDYLNRAGKTFKYTPEGPVGLIGDKKIALLNARGGVYSEGPAAEVEMAV
KYVASMMGFFGATNMETVIIEGHNQFPDKAEEIIAAGLEEAAKVASKF
;
_entity_poly.pdbx_strand_id   A,B
#
# COMPACT_ATOMS: atom_id res chain seq x y z
N ALA A 2 5.31 5.14 31.21
CA ALA A 2 5.32 5.39 29.74
C ALA A 2 3.92 5.24 29.17
N THR A 3 3.69 5.89 28.03
CA THR A 3 2.46 5.74 27.26
C THR A 3 2.82 4.94 26.02
N VAL A 4 2.09 3.85 25.80
CA VAL A 4 2.37 2.95 24.67
C VAL A 4 1.16 2.81 23.76
N LEU A 5 1.37 3.07 22.47
CA LEU A 5 0.30 3.03 21.50
C LEU A 5 0.40 1.72 20.71
N PHE A 6 -0.64 0.91 20.76
CA PHE A 6 -0.71 -0.30 19.94
C PHE A 6 -1.54 -0.01 18.69
N VAL A 7 -0.99 -0.23 17.49
CA VAL A 7 -1.73 0.04 16.26
C VAL A 7 -2.03 -1.34 15.65
N LYS A 8 -3.32 -1.67 15.57
CA LYS A 8 -3.78 -3.00 15.11
C LYS A 8 -4.34 -2.88 13.70
N ALA A 9 -3.81 -3.67 12.77
CA ALA A 9 -4.22 -3.64 11.38
C ALA A 9 -4.70 -5.00 10.87
N ASN A 10 -5.66 -5.58 11.57
CA ASN A 10 -6.28 -6.82 11.09
C ASN A 10 -7.51 -7.13 11.92
N ASN A 11 -8.70 -7.10 11.30
CA ASN A 11 -9.93 -7.37 12.06
C ASN A 11 -10.45 -8.82 11.97
N ARG A 12 -9.64 -9.72 11.42
CA ARG A 12 -9.93 -11.16 11.53
C ARG A 12 -9.84 -11.60 12.99
N PRO A 13 -10.68 -12.54 13.41
CA PRO A 13 -10.55 -12.99 14.81
C PRO A 13 -9.19 -13.67 15.08
N ALA A 14 -8.71 -13.57 16.31
CA ALA A 14 -7.43 -14.17 16.73
C ALA A 14 -7.36 -15.66 16.45
N GLU A 15 -8.48 -16.35 16.60
CA GLU A 15 -8.54 -17.78 16.26
C GLU A 15 -8.21 -18.12 14.80
N GLN A 16 -8.35 -17.16 13.88
CA GLN A 16 -8.16 -17.42 12.44
C GLN A 16 -6.94 -16.69 11.82
N ALA A 17 -6.29 -15.84 12.61
CA ALA A 17 -5.22 -14.96 12.09
C ALA A 17 -3.93 -14.93 12.92
N VAL A 18 -2.85 -15.42 12.33
CA VAL A 18 -1.57 -15.45 13.05
C VAL A 18 -1.09 -14.07 13.49
N SER A 19 -1.24 -13.06 12.64
CA SER A 19 -0.82 -11.73 13.08
C SER A 19 -1.61 -11.19 14.27
N VAL A 20 -2.89 -11.57 14.37
CA VAL A 20 -3.69 -11.15 15.52
C VAL A 20 -3.26 -11.90 16.80
N LYS A 21 -2.98 -13.21 16.70
CA LYS A 21 -2.38 -13.90 17.86
C LYS A 21 -1.09 -13.24 18.31
N LEU A 22 -0.23 -12.88 17.35
CA LEU A 22 1.05 -12.25 17.65
C LEU A 22 0.84 -10.91 18.36
N TYR A 23 -0.02 -10.07 17.80
CA TYR A 23 -0.36 -8.81 18.44
C TYR A 23 -0.92 -8.97 19.87
N GLU A 24 -1.85 -9.90 20.03
CA GLU A 24 -2.51 -10.11 21.34
C GLU A 24 -1.55 -10.66 22.37
N ALA A 25 -0.63 -11.54 21.93
CA ALA A 25 0.40 -12.05 22.83
C ALA A 25 1.36 -10.95 23.27
N PHE A 26 1.80 -10.10 22.34
CA PHE A 26 2.67 -9.01 22.70
C PHE A 26 1.97 -8.05 23.66
N LEU A 27 0.70 -7.76 23.36
CA LEU A 27 -0.10 -6.82 24.17
C LEU A 27 -0.29 -7.34 25.59
N ALA A 28 -0.66 -8.60 25.71
CA ALA A 28 -0.91 -9.21 27.04
C ALA A 28 0.38 -9.25 27.87
N ASN A 29 1.47 -9.65 27.23
CA ASN A 29 2.76 -9.70 27.89
C ASN A 29 3.33 -8.34 28.22
N TYR A 30 3.10 -7.37 27.36
CA TYR A 30 3.58 -6.04 27.66
C TYR A 30 2.88 -5.49 28.92
N LYS A 31 1.57 -5.63 28.98
CA LYS A 31 0.77 -5.14 30.13
C LYS A 31 1.14 -5.86 31.44
N GLU A 32 1.30 -7.17 31.34
CA GLU A 32 1.66 -8.00 32.51
C GLU A 32 2.99 -7.53 33.12
N ALA A 33 3.94 -7.19 32.26
CA ALA A 33 5.29 -6.79 32.64
C ALA A 33 5.42 -5.29 32.98
N HIS A 34 4.47 -4.50 32.52
CA HIS A 34 4.50 -3.04 32.76
C HIS A 34 3.13 -2.57 33.24
N PRO A 35 2.69 -3.05 34.42
CA PRO A 35 1.32 -2.82 34.85
C PRO A 35 0.93 -1.35 35.04
N ASN A 36 1.91 -0.50 35.29
CA ASN A 36 1.58 0.91 35.48
C ASN A 36 1.73 1.84 34.27
N ASP A 37 2.12 1.28 33.12
CA ASP A 37 2.16 2.05 31.87
C ASP A 37 0.76 2.26 31.35
N THR A 38 0.55 3.36 30.62
CA THR A 38 -0.73 3.65 29.96
C THR A 38 -0.71 3.02 28.56
N VAL A 39 -1.58 2.05 28.32
CA VAL A 39 -1.60 1.38 27.02
C VAL A 39 -2.86 1.77 26.27
N VAL A 40 -2.71 2.21 25.02
CA VAL A 40 -3.85 2.65 24.25
C VAL A 40 -3.89 1.81 22.98
N GLU A 41 -5.03 1.22 22.63
CA GLU A 41 -5.14 0.44 21.39
C GLU A 41 -5.86 1.28 20.35
N LEU A 42 -5.25 1.39 19.17
CA LEU A 42 -5.87 2.00 18.00
C LEU A 42 -6.16 0.88 17.01
N ASP A 43 -7.45 0.56 16.82
CA ASP A 43 -7.86 -0.49 15.87
C ASP A 43 -8.23 0.19 14.56
N LEU A 44 -7.34 0.06 13.56
CA LEU A 44 -7.57 0.78 12.32
C LEU A 44 -8.89 0.43 11.61
N TYR A 45 -9.46 -0.73 11.88
CA TYR A 45 -10.75 -1.11 11.28
C TYR A 45 -11.96 -0.51 11.99
N LYS A 46 -11.72 0.15 13.13
CA LYS A 46 -12.77 0.87 13.85
C LYS A 46 -12.80 2.35 13.48
N GLU A 47 -11.77 2.80 12.76
CA GLU A 47 -11.60 4.19 12.40
C GLU A 47 -12.11 4.50 11.00
N GLU A 48 -12.41 5.79 10.76
CA GLU A 48 -12.65 6.27 9.40
C GLU A 48 -11.34 6.82 8.88
N LEU A 49 -10.83 6.22 7.80
CA LEU A 49 -9.51 6.57 7.25
C LEU A 49 -9.65 7.01 5.80
N PRO A 50 -10.09 8.26 5.57
CA PRO A 50 -10.20 8.68 4.17
C PRO A 50 -8.87 8.61 3.43
N TYR A 51 -8.92 8.17 2.17
CA TYR A 51 -7.68 8.05 1.41
C TYR A 51 -7.01 9.40 1.19
N VAL A 52 -5.68 9.39 1.20
CA VAL A 52 -4.92 10.61 0.81
C VAL A 52 -5.10 10.88 -0.71
N GLY A 53 -5.50 12.12 -1.04
CA GLY A 53 -5.52 12.58 -2.43
C GLY A 53 -5.27 14.08 -2.43
N VAL A 54 -5.82 14.76 -3.45
CA VAL A 54 -5.53 16.18 -3.67
C VAL A 54 -5.89 17.04 -2.43
N ASP A 55 -6.97 16.72 -1.72
CA ASP A 55 -7.35 17.62 -0.60
C ASP A 55 -6.36 17.55 0.56
N MET A 56 -5.89 16.34 0.89
CA MET A 56 -4.88 16.19 1.93
C MET A 56 -3.55 16.83 1.49
N ILE A 57 -3.18 16.58 0.24
CA ILE A 57 -1.88 17.04 -0.28
C ILE A 57 -1.83 18.58 -0.34
N ASN A 58 -2.86 19.17 -0.95
CA ASN A 58 -2.98 20.63 -1.01
C ASN A 58 -3.14 21.19 0.38
N GLY A 59 -3.94 20.49 1.19
CA GLY A 59 -4.21 20.98 2.55
C GLY A 59 -2.95 21.08 3.39
N THR A 60 -2.13 20.04 3.39
CA THR A 60 -0.89 20.09 4.17
C THR A 60 0.08 21.11 3.55
N PHE A 61 0.14 21.19 2.22
CA PHE A 61 0.99 22.20 1.52
C PHE A 61 0.54 23.63 1.91
N LYS A 62 -0.75 23.90 1.78
CA LYS A 62 -1.27 25.24 2.07
C LYS A 62 -1.15 25.56 3.54
N ALA A 63 -1.38 24.58 4.43
CA ALA A 63 -1.24 24.84 5.89
C ALA A 63 0.19 25.27 6.22
N GLY A 64 1.16 24.64 5.57
CA GLY A 64 2.58 25.00 5.76
C GLY A 64 2.90 26.41 5.28
N LYS A 65 2.17 26.90 4.28
CA LYS A 65 2.40 28.25 3.74
C LYS A 65 1.56 29.30 4.46
N GLY A 66 0.54 28.86 5.20
CA GLY A 66 -0.43 29.79 5.82
C GLY A 66 -1.52 30.25 4.86
N PHE A 67 -1.64 29.58 3.73
CA PHE A 67 -2.65 29.90 2.73
C PHE A 67 -4.02 29.43 3.25
N ASP A 68 -5.08 30.10 2.79
CA ASP A 68 -6.47 29.64 3.05
C ASP A 68 -6.74 28.24 2.56
N LEU A 69 -7.43 27.46 3.38
CA LEU A 69 -7.79 26.06 3.09
C LEU A 69 -9.24 25.97 2.69
N THR A 70 -9.55 25.19 1.65
CA THR A 70 -10.96 24.87 1.37
C THR A 70 -11.51 24.01 2.51
N GLU A 71 -12.85 23.89 2.59
CA GLU A 71 -13.44 23.01 3.62
C GLU A 71 -12.84 21.62 3.54
N GLU A 72 -12.80 21.05 2.33
CA GLU A 72 -12.31 19.66 2.20
C GLU A 72 -10.81 19.52 2.55
N GLU A 73 -10.02 20.53 2.20
CA GLU A 73 -8.57 20.58 2.58
C GLU A 73 -8.38 20.64 4.09
N ALA A 74 -9.16 21.53 4.72
CA ALA A 74 -9.05 21.70 6.17
C ALA A 74 -9.49 20.42 6.93
N LYS A 75 -10.57 19.78 6.46
CA LYS A 75 -11.07 18.54 7.07
C LYS A 75 -10.06 17.44 6.91
N ALA A 76 -9.41 17.38 5.75
CA ALA A 76 -8.40 16.35 5.51
C ALA A 76 -7.22 16.53 6.46
N VAL A 77 -6.70 17.75 6.59
CA VAL A 77 -5.57 18.03 7.48
C VAL A 77 -5.96 17.66 8.91
N ALA A 78 -7.19 18.00 9.29
CA ALA A 78 -7.63 17.72 10.65
C ALA A 78 -7.66 16.22 10.96
N VAL A 79 -8.06 15.42 9.98
CA VAL A 79 -8.08 13.95 10.16
C VAL A 79 -6.64 13.46 10.38
N ALA A 80 -5.73 13.93 9.53
CA ALA A 80 -4.32 13.51 9.65
C ALA A 80 -3.72 13.96 10.99
N ASP A 81 -4.02 15.21 11.39
CA ASP A 81 -3.61 15.76 12.71
C ASP A 81 -3.97 14.87 13.88
N LYS A 82 -5.19 14.31 13.85
CA LYS A 82 -5.70 13.57 14.99
C LYS A 82 -4.78 12.35 15.23
N TYR A 83 -4.52 11.64 14.13
CA TYR A 83 -3.69 10.42 14.19
C TYR A 83 -2.25 10.77 14.46
N LEU A 84 -1.72 11.77 13.76
CA LEU A 84 -0.32 12.19 13.94
C LEU A 84 -0.04 12.65 15.38
N ASN A 85 -0.94 13.45 15.95
CA ASN A 85 -0.71 13.93 17.30
C ASN A 85 -0.68 12.80 18.33
N GLN A 86 -1.54 11.80 18.12
CA GLN A 86 -1.57 10.62 19.01
C GLN A 86 -0.27 9.81 18.93
N PHE A 87 0.21 9.63 17.70
CA PHE A 87 1.47 8.91 17.46
C PHE A 87 2.65 9.65 18.13
N LEU A 88 2.68 10.98 17.96
CA LEU A 88 3.75 11.80 18.50
C LEU A 88 3.78 11.77 20.04
N GLU A 89 2.62 11.69 20.68
CA GLU A 89 2.55 11.69 22.15
C GLU A 89 2.99 10.39 22.78
N ALA A 90 2.93 9.29 22.02
CA ALA A 90 3.30 7.98 22.55
C ALA A 90 4.81 7.84 22.75
N ASP A 91 5.23 7.28 23.88
CA ASP A 91 6.65 6.96 24.07
C ASP A 91 7.15 5.74 23.30
N LYS A 92 6.26 4.76 23.13
CA LYS A 92 6.54 3.57 22.33
C LYS A 92 5.35 3.28 21.46
N VAL A 93 5.62 2.72 20.28
CA VAL A 93 4.56 2.33 19.35
C VAL A 93 4.79 0.91 18.89
N VAL A 94 3.74 0.11 18.89
CA VAL A 94 3.79 -1.31 18.46
C VAL A 94 2.80 -1.46 17.32
N PHE A 95 3.33 -1.87 16.16
CA PHE A 95 2.49 -2.13 14.97
C PHE A 95 2.28 -3.62 14.78
N GLY A 96 1.03 -4.08 14.69
CA GLY A 96 0.72 -5.51 14.41
C GLY A 96 0.03 -5.61 13.05
N PHE A 97 0.65 -6.33 12.12
CA PHE A 97 0.07 -6.42 10.78
C PHE A 97 0.43 -7.71 10.05
N PRO A 98 -0.45 -8.18 9.20
CA PRO A 98 -0.10 -9.30 8.31
C PRO A 98 0.61 -8.81 7.05
N LEU A 99 1.24 -9.75 6.32
CA LEU A 99 1.57 -9.54 4.91
C LEU A 99 0.39 -10.08 4.07
N TRP A 100 -0.28 -9.18 3.34
CA TRP A 100 -1.33 -9.51 2.42
C TRP A 100 -0.94 -8.97 1.08
N ASN A 101 -0.92 -9.82 0.05
CA ASN A 101 -0.56 -9.37 -1.30
C ASN A 101 0.76 -8.62 -1.31
N LEU A 102 1.77 -9.25 -0.70
CA LEU A 102 3.17 -8.76 -0.65
C LEU A 102 3.38 -7.60 0.30
N THR A 103 2.30 -7.01 0.84
CA THR A 103 2.50 -5.74 1.58
C THR A 103 1.64 -5.65 2.84
N ILE A 104 1.61 -4.46 3.46
CA ILE A 104 0.76 -4.23 4.62
C ILE A 104 -0.72 -4.03 4.21
N PRO A 105 -1.66 -4.18 5.16
CA PRO A 105 -3.06 -3.81 4.82
C PRO A 105 -3.15 -2.35 4.39
N ALA A 106 -4.01 -2.08 3.40
CA ALA A 106 -4.17 -0.69 2.91
C ALA A 106 -4.63 0.24 4.05
N VAL A 107 -5.35 -0.28 5.07
CA VAL A 107 -5.64 0.61 6.22
C VAL A 107 -4.38 1.17 6.91
N LEU A 108 -3.34 0.33 7.04
CA LEU A 108 -2.10 0.75 7.66
C LEU A 108 -1.29 1.67 6.73
N HIS A 109 -1.40 1.43 5.42
CA HIS A 109 -0.76 2.28 4.39
C HIS A 109 -1.31 3.72 4.56
N THR A 110 -2.64 3.86 4.61
CA THR A 110 -3.25 5.22 4.82
C THR A 110 -2.82 5.84 6.14
N TYR A 111 -2.84 5.03 7.21
CA TYR A 111 -2.37 5.51 8.53
C TYR A 111 -0.94 6.09 8.45
N ILE A 112 -0.02 5.35 7.83
CA ILE A 112 1.36 5.81 7.72
C ILE A 112 1.47 7.07 6.84
N ASP A 113 0.63 7.14 5.81
CA ASP A 113 0.55 8.37 4.97
C ASP A 113 0.27 9.60 5.84
N TYR A 114 -0.63 9.44 6.81
CA TYR A 114 -1.00 10.56 7.68
C TYR A 114 0.16 11.00 8.57
N LEU A 115 1.11 10.10 8.84
CA LEU A 115 2.22 10.43 9.78
C LEU A 115 3.31 11.26 9.13
N ASN A 116 3.32 11.31 7.82
CA ASN A 116 4.38 12.00 7.10
C ASN A 116 4.10 13.51 7.07
N ARG A 117 4.86 14.27 7.86
CA ARG A 117 4.58 15.71 7.95
C ARG A 117 5.83 16.50 8.33
N ALA A 118 6.21 17.46 7.47
CA ALA A 118 7.37 18.32 7.76
C ALA A 118 7.14 19.11 9.05
N GLY A 119 8.16 19.13 9.90
CA GLY A 119 8.09 19.81 11.21
C GLY A 119 7.54 18.93 12.31
N LYS A 120 7.01 17.76 11.97
CA LYS A 120 6.47 16.83 12.96
C LYS A 120 7.22 15.50 13.00
N THR A 121 7.30 14.80 11.86
CA THR A 121 8.05 13.54 11.84
C THR A 121 9.40 13.63 11.15
N PHE A 122 9.61 14.70 10.39
CA PHE A 122 10.92 15.00 9.81
C PHE A 122 11.03 16.50 9.60
N LYS A 123 12.26 16.98 9.42
CA LYS A 123 12.43 18.37 9.00
C LYS A 123 13.45 18.46 7.89
N TYR A 124 13.36 19.54 7.12
CA TYR A 124 14.31 19.80 6.05
C TYR A 124 15.57 20.49 6.61
N THR A 125 16.73 20.08 6.09
CA THR A 125 18.01 20.78 6.38
C THR A 125 18.72 21.00 5.05
N PRO A 126 19.71 21.92 5.00
CA PRO A 126 20.48 22.09 3.76
C PRO A 126 21.12 20.77 3.31
N GLU A 127 21.29 19.83 4.23
CA GLU A 127 21.94 18.54 3.92
C GLU A 127 20.98 17.39 3.65
N GLY A 128 19.69 17.69 3.65
CA GLY A 128 18.67 16.66 3.42
C GLY A 128 17.75 16.52 4.62
N PRO A 129 16.67 15.74 4.47
CA PRO A 129 15.74 15.50 5.57
C PRO A 129 16.35 14.75 6.75
N VAL A 130 15.95 15.15 7.96
CA VAL A 130 16.33 14.43 9.17
C VAL A 130 15.06 14.05 9.95
N GLY A 131 14.99 12.81 10.41
CA GLY A 131 13.79 12.36 11.14
C GLY A 131 13.78 12.91 12.56
N LEU A 132 12.58 13.09 13.09
CA LEU A 132 12.37 13.70 14.41
C LEU A 132 11.90 12.73 15.50
N ILE A 133 11.69 11.45 15.18
CA ILE A 133 11.24 10.50 16.21
C ILE A 133 12.31 9.57 16.83
N GLY A 134 13.55 10.04 16.84
CA GLY A 134 14.67 9.24 17.37
C GLY A 134 14.51 8.72 18.79
N ASP A 135 13.70 9.44 19.57
CA ASP A 135 13.41 9.14 20.97
C ASP A 135 12.40 8.00 21.16
N LYS A 136 11.68 7.66 20.09
CA LYS A 136 10.50 6.79 20.18
C LYS A 136 10.87 5.31 19.94
N LYS A 137 10.46 4.40 20.83
CA LYS A 137 10.78 2.98 20.65
C LYS A 137 9.69 2.33 19.81
N ILE A 138 10.06 1.60 18.75
CA ILE A 138 9.05 1.04 17.84
C ILE A 138 9.22 -0.48 17.74
N ALA A 139 8.09 -1.20 17.80
CA ALA A 139 8.08 -2.66 17.53
C ALA A 139 7.21 -2.96 16.32
N LEU A 140 7.72 -3.82 15.43
CA LEU A 140 6.97 -4.30 14.25
C LEU A 140 6.68 -5.79 14.41
N LEU A 141 5.41 -6.15 14.45
CA LEU A 141 4.98 -7.55 14.62
C LEU A 141 4.29 -7.98 13.32
N ASN A 142 4.87 -8.95 12.62
CA ASN A 142 4.34 -9.37 11.32
C ASN A 142 4.20 -10.87 11.22
N ALA A 143 3.14 -11.34 10.55
CA ALA A 143 3.03 -12.75 10.16
C ALA A 143 2.87 -12.83 8.64
N ARG A 144 3.45 -13.87 8.04
CA ARG A 144 3.39 -14.03 6.59
C ARG A 144 3.43 -15.51 6.25
N GLY A 145 2.58 -15.89 5.31
CA GLY A 145 2.33 -17.31 5.02
C GLY A 145 3.56 -18.02 4.53
N GLY A 146 4.25 -17.36 3.61
CA GLY A 146 5.49 -17.92 3.06
C GLY A 146 6.73 -17.35 3.76
N VAL A 147 7.90 -17.92 3.44
CA VAL A 147 9.15 -17.38 3.94
C VAL A 147 9.61 -16.25 2.99
N TYR A 148 9.89 -15.07 3.57
CA TYR A 148 10.41 -13.92 2.85
C TYR A 148 11.79 -13.44 3.28
N SER A 149 12.41 -14.13 4.24
CA SER A 149 13.75 -13.78 4.73
C SER A 149 14.85 -14.35 3.84
N GLU A 150 14.48 -15.33 3.00
CA GLU A 150 15.41 -15.93 2.02
C GLU A 150 14.55 -16.63 0.96
N GLY A 151 15.19 -17.14 -0.08
CA GLY A 151 14.45 -17.81 -1.15
C GLY A 151 13.96 -16.86 -2.22
N PRO A 152 13.21 -17.38 -3.20
CA PRO A 152 12.82 -16.60 -4.39
C PRO A 152 11.93 -15.41 -4.10
N ALA A 153 11.19 -15.45 -2.98
CA ALA A 153 10.24 -14.37 -2.66
C ALA A 153 10.88 -13.24 -1.84
N ALA A 154 12.09 -13.46 -1.35
CA ALA A 154 12.69 -12.42 -0.48
C ALA A 154 12.71 -11.04 -1.16
N GLU A 155 12.98 -11.03 -2.47
CA GLU A 155 13.07 -9.81 -3.27
C GLU A 155 11.78 -8.98 -3.35
N VAL A 156 10.65 -9.60 -3.04
CA VAL A 156 9.39 -8.87 -3.17
C VAL A 156 8.69 -8.69 -1.82
N GLU A 157 9.39 -8.91 -0.72
CA GLU A 157 8.77 -8.57 0.59
C GLU A 157 8.60 -7.04 0.69
N MET A 158 7.35 -6.59 0.85
CA MET A 158 7.08 -5.14 0.89
C MET A 158 6.14 -4.80 2.04
N ALA A 159 6.18 -5.60 3.11
CA ALA A 159 5.35 -5.35 4.30
C ALA A 159 6.22 -4.81 5.40
N VAL A 160 7.01 -5.66 6.04
CA VAL A 160 8.00 -5.19 7.02
C VAL A 160 8.93 -4.17 6.38
N LYS A 161 9.39 -4.44 5.16
CA LYS A 161 10.31 -3.51 4.50
C LYS A 161 9.67 -2.12 4.36
N TYR A 162 8.36 -2.07 4.12
CA TYR A 162 7.70 -0.79 3.92
C TYR A 162 7.67 0.02 5.25
N VAL A 163 7.15 -0.61 6.30
CA VAL A 163 6.99 0.07 7.59
C VAL A 163 8.36 0.43 8.15
N ALA A 164 9.33 -0.47 8.03
CA ALA A 164 10.67 -0.18 8.55
C ALA A 164 11.32 0.99 7.82
N SER A 165 11.11 1.07 6.50
CA SER A 165 11.65 2.16 5.67
C SER A 165 11.06 3.52 6.05
N MET A 166 9.73 3.56 6.26
CA MET A 166 9.07 4.83 6.61
C MET A 166 9.42 5.22 8.05
N MET A 167 9.39 4.27 8.97
CA MET A 167 9.80 4.61 10.35
C MET A 167 11.25 5.09 10.41
N GLY A 168 12.13 4.46 9.63
CA GLY A 168 13.54 4.89 9.55
C GLY A 168 13.69 6.31 9.03
N PHE A 169 12.90 6.65 8.01
CA PHE A 169 12.85 7.99 7.48
C PHE A 169 12.43 9.01 8.55
N PHE A 170 11.44 8.63 9.37
CA PHE A 170 10.99 9.46 10.48
C PHE A 170 12.02 9.54 11.62
N GLY A 171 13.05 8.69 11.57
CA GLY A 171 14.20 8.76 12.48
C GLY A 171 14.22 7.73 13.58
N ALA A 172 13.34 6.72 13.47
CA ALA A 172 13.31 5.64 14.46
C ALA A 172 14.57 4.81 14.33
N THR A 173 15.21 4.51 15.46
CA THR A 173 16.39 3.61 15.48
C THR A 173 16.17 2.43 16.45
N ASN A 174 16.88 1.33 16.21
CA ASN A 174 16.82 0.12 17.06
C ASN A 174 15.38 -0.37 17.29
N MET A 175 14.58 -0.31 16.24
CA MET A 175 13.26 -0.88 16.23
C MET A 175 13.38 -2.37 16.49
N GLU A 176 12.38 -2.93 17.16
CA GLU A 176 12.34 -4.36 17.34
C GLU A 176 11.42 -4.97 16.31
N THR A 177 11.76 -6.16 15.84
CA THR A 177 10.93 -6.86 14.85
C THR A 177 10.70 -8.29 15.32
N VAL A 178 9.44 -8.73 15.34
CA VAL A 178 9.09 -10.14 15.57
C VAL A 178 8.30 -10.61 14.36
N ILE A 179 8.84 -11.62 13.66
CA ILE A 179 8.22 -12.12 12.44
C ILE A 179 7.88 -13.59 12.62
N ILE A 180 6.65 -13.98 12.27
CA ILE A 180 6.29 -15.39 12.16
C ILE A 180 6.07 -15.65 10.68
N GLU A 181 6.90 -16.51 10.08
CA GLU A 181 6.81 -16.71 8.62
C GLU A 181 6.87 -18.18 8.27
N GLY A 182 6.23 -18.52 7.15
CA GLY A 182 6.40 -19.86 6.55
C GLY A 182 5.40 -20.91 7.01
N HIS A 183 4.49 -20.54 7.92
CA HIS A 183 3.46 -21.51 8.41
C HIS A 183 2.49 -22.04 7.35
N ASN A 184 2.23 -21.29 6.27
CA ASN A 184 1.41 -21.84 5.16
C ASN A 184 2.25 -22.61 4.14
N GLN A 185 3.49 -22.17 3.95
CA GLN A 185 4.38 -22.80 2.96
C GLN A 185 4.89 -24.15 3.42
N PHE A 186 5.09 -24.27 4.72
CA PHE A 186 5.59 -25.49 5.32
C PHE A 186 4.61 -25.96 6.38
N PRO A 187 3.46 -26.50 5.94
CA PRO A 187 2.39 -26.80 6.89
C PRO A 187 2.79 -27.84 7.94
N ASP A 188 3.74 -28.73 7.61
CA ASP A 188 4.22 -29.69 8.58
C ASP A 188 4.94 -29.06 9.77
N LYS A 189 5.47 -27.85 9.56
CA LYS A 189 6.21 -27.13 10.60
C LYS A 189 5.37 -26.00 11.22
N ALA A 190 4.13 -25.83 10.77
CA ALA A 190 3.34 -24.69 11.20
C ALA A 190 3.17 -24.58 12.72
N GLU A 191 2.88 -25.71 13.38
CA GLU A 191 2.70 -25.69 14.84
C GLU A 191 3.93 -25.13 15.55
N GLU A 192 5.11 -25.62 15.14
CA GLU A 192 6.37 -25.23 15.72
C GLU A 192 6.69 -23.76 15.42
N ILE A 193 6.48 -23.35 14.18
CA ILE A 193 6.77 -21.99 13.76
C ILE A 193 5.93 -20.98 14.55
N ILE A 194 4.64 -21.29 14.68
CA ILE A 194 3.71 -20.36 15.34
C ILE A 194 4.03 -20.30 16.84
N ALA A 195 4.22 -21.47 17.45
CA ALA A 195 4.51 -21.51 18.87
C ALA A 195 5.81 -20.77 19.21
N ALA A 196 6.84 -20.97 18.40
CA ALA A 196 8.12 -20.27 18.58
C ALA A 196 7.94 -18.74 18.48
N GLY A 197 7.13 -18.31 17.51
CA GLY A 197 6.90 -16.88 17.26
C GLY A 197 6.17 -16.20 18.41
N LEU A 198 5.18 -16.90 18.98
CA LEU A 198 4.43 -16.37 20.10
C LEU A 198 5.28 -16.30 21.37
N GLU A 199 6.20 -17.26 21.52
CA GLU A 199 7.15 -17.22 22.63
C GLU A 199 8.12 -16.05 22.48
N GLU A 200 8.58 -15.83 21.25
CA GLU A 200 9.45 -14.70 21.00
C GLU A 200 8.73 -13.38 21.29
N ALA A 201 7.49 -13.26 20.85
CA ALA A 201 6.70 -12.03 21.11
C ALA A 201 6.57 -11.78 22.61
N ALA A 202 6.25 -12.83 23.35
CA ALA A 202 6.15 -12.71 24.82
C ALA A 202 7.47 -12.23 25.43
N LYS A 203 8.55 -12.85 25.02
CA LYS A 203 9.90 -12.44 25.49
C LYS A 203 10.23 -10.98 25.16
N VAL A 204 10.03 -10.61 23.90
CA VAL A 204 10.36 -9.26 23.49
C VAL A 204 9.48 -8.25 24.23
N ALA A 205 8.18 -8.56 24.37
CA ALA A 205 7.23 -7.68 25.06
C ALA A 205 7.60 -7.50 26.52
N SER A 206 8.13 -8.55 27.15
CA SER A 206 8.45 -8.47 28.58
C SER A 206 9.57 -7.46 28.87
N LYS A 207 10.37 -7.17 27.85
CA LYS A 207 11.53 -6.27 27.94
C LYS A 207 11.38 -4.97 27.15
N PHE A 208 10.25 -4.81 26.46
CA PHE A 208 10.08 -3.68 25.57
C PHE A 208 9.88 -2.37 26.35
N ALA B 2 -11.02 -3.36 -29.76
CA ALA B 2 -10.58 -3.87 -28.41
C ALA B 2 -11.20 -3.00 -27.31
N THR B 3 -11.34 -3.55 -26.11
CA THR B 3 -11.81 -2.78 -24.97
C THR B 3 -10.60 -2.47 -24.10
N VAL B 4 -10.44 -1.19 -23.76
CA VAL B 4 -9.25 -0.73 -23.06
C VAL B 4 -9.68 -0.01 -21.79
N LEU B 5 -9.17 -0.44 -20.64
CA LEU B 5 -9.54 0.14 -19.38
C LEU B 5 -8.36 0.98 -18.89
N PHE B 6 -8.63 2.26 -18.63
CA PHE B 6 -7.65 3.19 -18.02
C PHE B 6 -7.97 3.35 -16.54
N VAL B 7 -7.02 3.00 -15.66
CA VAL B 7 -7.24 3.13 -14.21
C VAL B 7 -6.40 4.30 -13.71
N LYS B 8 -7.07 5.34 -13.25
CA LYS B 8 -6.42 6.61 -12.88
C LYS B 8 -6.34 6.69 -11.35
N ALA B 9 -5.14 6.79 -10.81
CA ALA B 9 -4.96 6.83 -9.34
C ALA B 9 -4.33 8.14 -8.86
N ASN B 10 -4.93 9.26 -9.27
CA ASN B 10 -4.44 10.56 -8.80
C ASN B 10 -5.43 11.64 -9.20
N ASN B 11 -6.02 12.31 -8.19
CA ASN B 11 -7.00 13.34 -8.49
C ASN B 11 -6.47 14.78 -8.43
N ARG B 12 -5.14 14.92 -8.36
CA ARG B 12 -4.48 16.24 -8.50
C ARG B 12 -4.58 16.76 -9.94
N PRO B 13 -4.57 18.09 -10.11
CA PRO B 13 -4.59 18.62 -11.49
C PRO B 13 -3.31 18.32 -12.24
N ALA B 14 -3.43 18.07 -13.56
CA ALA B 14 -2.29 17.79 -14.42
C ALA B 14 -1.18 18.84 -14.30
N GLU B 15 -1.58 20.11 -14.16
CA GLU B 15 -0.60 21.21 -14.06
C GLU B 15 0.27 21.08 -12.82
N GLN B 16 -0.21 20.35 -11.81
CA GLN B 16 0.57 20.18 -10.60
C GLN B 16 1.10 18.76 -10.37
N ALA B 17 0.57 17.79 -11.10
CA ALA B 17 0.93 16.38 -10.88
C ALA B 17 1.49 15.70 -12.13
N VAL B 18 2.80 15.40 -12.14
CA VAL B 18 3.40 14.82 -13.36
C VAL B 18 2.75 13.49 -13.77
N SER B 19 2.36 12.65 -12.80
CA SER B 19 1.72 11.36 -13.13
C SER B 19 0.39 11.55 -13.85
N VAL B 20 -0.32 12.64 -13.50
CA VAL B 20 -1.57 12.99 -14.16
C VAL B 20 -1.33 13.52 -15.58
N LYS B 21 -0.32 14.39 -15.74
CA LYS B 21 0.06 14.85 -17.09
C LYS B 21 0.46 13.65 -17.99
N LEU B 22 1.18 12.70 -17.40
CA LEU B 22 1.57 11.50 -18.14
C LEU B 22 0.38 10.61 -18.54
N TYR B 23 -0.51 10.34 -17.59
CA TYR B 23 -1.74 9.60 -17.85
C TYR B 23 -2.57 10.27 -18.96
N GLU B 24 -2.75 11.59 -18.86
CA GLU B 24 -3.60 12.29 -19.82
C GLU B 24 -3.01 12.28 -21.24
N ALA B 25 -1.69 12.34 -21.32
CA ALA B 25 -1.01 12.33 -22.62
C ALA B 25 -1.15 10.95 -23.28
N PHE B 26 -0.92 9.88 -22.49
CA PHE B 26 -1.02 8.54 -23.01
C PHE B 26 -2.46 8.27 -23.48
N LEU B 27 -3.41 8.69 -22.65
CA LEU B 27 -4.85 8.54 -22.95
C LEU B 27 -5.23 9.25 -24.26
N ALA B 28 -4.83 10.51 -24.40
CA ALA B 28 -5.16 11.27 -25.63
C ALA B 28 -4.54 10.63 -26.86
N ASN B 29 -3.29 10.19 -26.73
CA ASN B 29 -2.58 9.58 -27.84
C ASN B 29 -3.15 8.22 -28.19
N TYR B 30 -3.58 7.49 -27.16
CA TYR B 30 -4.17 6.17 -27.40
C TYR B 30 -5.44 6.32 -28.20
N LYS B 31 -6.32 7.21 -27.77
CA LYS B 31 -7.59 7.44 -28.49
C LYS B 31 -7.38 7.88 -29.94
N GLU B 32 -6.43 8.79 -30.16
CA GLU B 32 -6.12 9.26 -31.52
C GLU B 32 -5.75 8.12 -32.45
N ALA B 33 -5.00 7.15 -31.93
CA ALA B 33 -4.52 6.05 -32.74
C ALA B 33 -5.56 4.95 -32.90
N HIS B 34 -6.58 4.94 -32.04
CA HIS B 34 -7.59 3.89 -32.03
C HIS B 34 -9.00 4.38 -31.94
N PRO B 35 -9.50 4.99 -33.01
CA PRO B 35 -10.80 5.65 -32.92
C PRO B 35 -11.98 4.69 -32.72
N ASN B 36 -11.81 3.41 -33.04
CA ASN B 36 -12.91 2.47 -32.90
C ASN B 36 -12.81 1.53 -31.71
N ASP B 37 -11.85 1.79 -30.83
CA ASP B 37 -11.78 1.02 -29.58
C ASP B 37 -12.77 1.55 -28.58
N THR B 38 -13.14 0.71 -27.62
CA THR B 38 -14.00 1.13 -26.53
C THR B 38 -13.01 1.45 -25.40
N VAL B 39 -12.89 2.72 -25.06
CA VAL B 39 -11.97 3.16 -24.01
C VAL B 39 -12.77 3.59 -22.79
N VAL B 40 -12.50 2.97 -21.65
CA VAL B 40 -13.22 3.20 -20.41
C VAL B 40 -12.24 3.75 -19.38
N GLU B 41 -12.59 4.86 -18.73
CA GLU B 41 -11.78 5.46 -17.65
C GLU B 41 -12.40 5.17 -16.31
N LEU B 42 -11.59 4.64 -15.41
CA LEU B 42 -11.99 4.39 -14.03
C LEU B 42 -11.14 5.32 -13.18
N ASP B 43 -11.78 6.29 -12.56
CA ASP B 43 -11.12 7.23 -11.68
C ASP B 43 -11.33 6.74 -10.26
N LEU B 44 -10.27 6.18 -9.68
CA LEU B 44 -10.40 5.59 -8.33
C LEU B 44 -10.87 6.59 -7.25
N TYR B 45 -10.66 7.89 -7.45
CA TYR B 45 -11.08 8.89 -6.46
C TYR B 45 -12.57 9.24 -6.55
N LYS B 46 -13.24 8.76 -7.61
CA LYS B 46 -14.69 8.96 -7.76
C LYS B 46 -15.48 7.77 -7.24
N GLU B 47 -14.76 6.68 -6.93
CA GLU B 47 -15.35 5.43 -6.51
C GLU B 47 -15.38 5.30 -4.98
N GLU B 48 -16.26 4.44 -4.48
CA GLU B 48 -16.19 4.06 -3.07
C GLU B 48 -15.45 2.75 -3.02
N LEU B 49 -14.31 2.77 -2.30
CA LEU B 49 -13.43 1.62 -2.22
C LEU B 49 -13.21 1.20 -0.77
N PRO B 50 -14.18 0.44 -0.21
CA PRO B 50 -14.00 0.01 1.18
C PRO B 50 -12.74 -0.82 1.34
N TYR B 51 -12.04 -0.61 2.46
CA TYR B 51 -10.81 -1.39 2.71
C TYR B 51 -11.08 -2.89 2.84
N VAL B 52 -10.16 -3.69 2.31
CA VAL B 52 -10.26 -5.14 2.47
C VAL B 52 -9.98 -5.53 3.92
N GLY B 53 -10.88 -6.31 4.50
CA GLY B 53 -10.71 -6.83 5.87
C GLY B 53 -11.47 -8.14 5.96
N VAL B 54 -11.86 -8.52 7.18
CA VAL B 54 -12.39 -9.87 7.42
C VAL B 54 -13.60 -10.24 6.55
N ASP B 55 -14.56 -9.33 6.38
CA ASP B 55 -15.75 -9.68 5.58
C ASP B 55 -15.45 -9.91 4.09
N MET B 56 -14.56 -9.10 3.51
CA MET B 56 -14.13 -9.30 2.14
C MET B 56 -13.32 -10.60 1.98
N ILE B 57 -12.41 -10.85 2.91
CA ILE B 57 -11.56 -12.05 2.88
C ILE B 57 -12.39 -13.35 2.97
N ASN B 58 -13.32 -13.37 3.93
CA ASN B 58 -14.18 -14.55 4.13
C ASN B 58 -15.17 -14.69 2.97
N GLY B 59 -15.75 -13.56 2.55
CA GLY B 59 -16.75 -13.62 1.48
C GLY B 59 -16.16 -14.08 0.16
N THR B 60 -15.03 -13.50 -0.23
CA THR B 60 -14.40 -13.92 -1.49
C THR B 60 -13.85 -15.34 -1.45
N PHE B 61 -13.44 -15.82 -0.27
CA PHE B 61 -13.08 -17.23 -0.14
C PHE B 61 -14.27 -18.16 -0.33
N LYS B 62 -15.38 -17.80 0.29
CA LYS B 62 -16.53 -18.71 0.33
C LYS B 62 -17.37 -18.74 -0.96
N ALA B 63 -17.32 -17.63 -1.71
CA ALA B 63 -18.21 -17.42 -2.85
C ALA B 63 -18.06 -18.56 -3.86
N GLY B 64 -19.19 -19.17 -4.21
CA GLY B 64 -19.23 -20.17 -5.27
C GLY B 64 -18.95 -21.57 -4.77
N LYS B 65 -18.74 -21.73 -3.46
CA LYS B 65 -18.35 -23.03 -2.90
C LYS B 65 -19.44 -23.73 -2.10
N GLY B 66 -20.65 -23.16 -2.06
CA GLY B 66 -21.75 -23.82 -1.35
C GLY B 66 -21.93 -23.38 0.10
N PHE B 67 -21.03 -22.52 0.60
CA PHE B 67 -21.12 -21.98 1.98
C PHE B 67 -22.21 -20.93 2.13
N ASP B 68 -22.71 -20.76 3.36
CA ASP B 68 -23.53 -19.56 3.69
C ASP B 68 -22.65 -18.32 3.74
N LEU B 69 -23.24 -17.17 3.41
CA LEU B 69 -22.56 -15.88 3.55
C LEU B 69 -23.39 -14.96 4.44
N THR B 70 -22.72 -14.11 5.18
CA THR B 70 -23.43 -13.02 5.84
C THR B 70 -23.79 -11.92 4.84
N GLU B 71 -24.75 -11.09 5.21
CA GLU B 71 -25.08 -9.90 4.43
C GLU B 71 -23.85 -9.01 4.20
N GLU B 72 -23.04 -8.82 5.23
CA GLU B 72 -21.86 -7.98 5.07
C GLU B 72 -20.80 -8.59 4.18
N GLU B 73 -20.62 -9.90 4.29
CA GLU B 73 -19.76 -10.64 3.36
C GLU B 73 -20.24 -10.50 1.90
N ALA B 74 -21.55 -10.62 1.67
CA ALA B 74 -22.07 -10.52 0.30
C ALA B 74 -21.90 -9.10 -0.23
N LYS B 75 -22.10 -8.10 0.64
CA LYS B 75 -21.89 -6.67 0.24
C LYS B 75 -20.45 -6.45 -0.20
N ALA B 76 -19.52 -7.04 0.55
CA ALA B 76 -18.09 -6.89 0.23
C ALA B 76 -17.75 -7.58 -1.08
N VAL B 77 -18.26 -8.80 -1.28
CA VAL B 77 -18.05 -9.53 -2.54
C VAL B 77 -18.60 -8.75 -3.75
N ALA B 78 -19.76 -8.13 -3.57
CA ALA B 78 -20.39 -7.35 -4.65
C ALA B 78 -19.49 -6.20 -5.08
N VAL B 79 -18.87 -5.55 -4.12
CA VAL B 79 -17.93 -4.44 -4.41
C VAL B 79 -16.74 -4.96 -5.21
N ALA B 80 -16.07 -6.00 -4.70
CA ALA B 80 -14.88 -6.55 -5.38
C ALA B 80 -15.23 -7.07 -6.77
N ASP B 81 -16.33 -7.80 -6.90
CA ASP B 81 -16.79 -8.30 -8.20
C ASP B 81 -16.97 -7.22 -9.26
N LYS B 82 -17.54 -6.08 -8.87
CA LYS B 82 -17.75 -5.01 -9.81
C LYS B 82 -16.42 -4.60 -10.49
N TYR B 83 -15.38 -4.38 -9.68
CA TYR B 83 -14.07 -3.96 -10.22
C TYR B 83 -13.36 -5.12 -10.91
N LEU B 84 -13.42 -6.29 -10.29
CA LEU B 84 -12.75 -7.47 -10.83
C LEU B 84 -13.32 -7.83 -12.19
N ASN B 85 -14.65 -7.84 -12.35
CA ASN B 85 -15.29 -8.17 -13.64
C ASN B 85 -14.96 -7.18 -14.77
N GLN B 86 -14.90 -5.90 -14.43
CA GLN B 86 -14.54 -4.86 -15.39
C GLN B 86 -13.10 -5.03 -15.88
N PHE B 87 -12.19 -5.34 -14.94
CA PHE B 87 -10.77 -5.60 -15.26
C PHE B 87 -10.65 -6.84 -16.16
N LEU B 88 -11.40 -7.90 -15.86
CA LEU B 88 -11.30 -9.13 -16.62
C LEU B 88 -11.85 -8.98 -18.05
N GLU B 89 -12.84 -8.10 -18.20
CA GLU B 89 -13.47 -7.84 -19.51
C GLU B 89 -12.53 -7.07 -20.44
N ALA B 90 -11.60 -6.31 -19.89
CA ALA B 90 -10.74 -5.46 -20.72
C ALA B 90 -9.67 -6.28 -21.49
N ASP B 91 -9.45 -5.95 -22.76
CA ASP B 91 -8.35 -6.55 -23.53
C ASP B 91 -6.99 -5.94 -23.18
N LYS B 92 -7.01 -4.67 -22.82
CA LYS B 92 -5.79 -3.94 -22.40
C LYS B 92 -6.12 -3.11 -21.18
N VAL B 93 -5.15 -2.97 -20.26
CA VAL B 93 -5.33 -2.15 -19.06
C VAL B 93 -4.14 -1.18 -18.90
N VAL B 94 -4.44 0.09 -18.65
CA VAL B 94 -3.42 1.11 -18.45
C VAL B 94 -3.56 1.66 -17.02
N PHE B 95 -2.50 1.52 -16.20
CA PHE B 95 -2.49 2.09 -14.84
C PHE B 95 -1.68 3.39 -14.81
N GLY B 96 -2.27 4.49 -14.31
CA GLY B 96 -1.52 5.77 -14.13
C GLY B 96 -1.43 6.10 -12.65
N PHE B 97 -0.22 6.18 -12.12
CA PHE B 97 -0.06 6.38 -10.66
C PHE B 97 1.25 7.10 -10.34
N PRO B 98 1.24 7.90 -9.25
CA PRO B 98 2.48 8.46 -8.76
C PRO B 98 3.17 7.46 -7.80
N LEU B 99 4.44 7.75 -7.49
CA LEU B 99 5.07 7.24 -6.27
C LEU B 99 4.88 8.27 -5.17
N TRP B 100 4.18 7.85 -4.11
CA TRP B 100 3.99 8.69 -2.92
C TRP B 100 4.41 7.87 -1.75
N ASN B 101 5.34 8.38 -0.97
CA ASN B 101 5.85 7.69 0.25
C ASN B 101 6.33 6.28 -0.14
N LEU B 102 7.18 6.26 -1.15
CA LEU B 102 7.81 5.02 -1.70
C LEU B 102 6.90 4.08 -2.48
N THR B 103 5.58 4.33 -2.53
CA THR B 103 4.69 3.26 -3.09
C THR B 103 3.55 3.87 -3.90
N ILE B 104 2.56 3.03 -4.24
CA ILE B 104 1.39 3.53 -4.97
C ILE B 104 0.41 4.20 -4.00
N PRO B 105 -0.48 5.07 -4.51
CA PRO B 105 -1.58 5.54 -3.65
C PRO B 105 -2.34 4.38 -3.02
N ALA B 106 -2.72 4.56 -1.75
CA ALA B 106 -3.52 3.51 -1.11
C ALA B 106 -4.82 3.20 -1.86
N VAL B 107 -5.41 4.18 -2.58
CA VAL B 107 -6.61 3.83 -3.39
C VAL B 107 -6.31 2.71 -4.41
N LEU B 108 -5.14 2.78 -5.02
CA LEU B 108 -4.77 1.73 -6.00
C LEU B 108 -4.39 0.40 -5.34
N HIS B 109 -3.81 0.48 -4.15
CA HIS B 109 -3.50 -0.70 -3.32
C HIS B 109 -4.82 -1.44 -3.04
N THR B 110 -5.87 -0.72 -2.61
CA THR B 110 -7.19 -1.39 -2.40
C THR B 110 -7.72 -1.98 -3.71
N TYR B 111 -7.64 -1.23 -4.81
CA TYR B 111 -8.15 -1.74 -6.10
C TYR B 111 -7.44 -3.07 -6.47
N ILE B 112 -6.11 -3.10 -6.34
CA ILE B 112 -5.39 -4.33 -6.69
C ILE B 112 -5.73 -5.46 -5.71
N ASP B 113 -6.00 -5.12 -4.46
CA ASP B 113 -6.47 -6.16 -3.51
C ASP B 113 -7.76 -6.84 -4.05
N TYR B 114 -8.68 -6.04 -4.62
CA TYR B 114 -9.95 -6.60 -5.16
C TYR B 114 -9.69 -7.53 -6.34
N LEU B 115 -8.55 -7.36 -7.00
CA LEU B 115 -8.26 -8.17 -8.21
C LEU B 115 -7.74 -9.55 -7.89
N ASN B 116 -7.35 -9.78 -6.65
CA ASN B 116 -6.72 -11.04 -6.29
C ASN B 116 -7.78 -12.08 -5.92
N ARG B 117 -8.08 -13.00 -6.84
CA ARG B 117 -9.18 -13.93 -6.62
C ARG B 117 -8.87 -15.26 -7.30
N ALA B 118 -8.77 -16.33 -6.51
CA ALA B 118 -8.56 -17.66 -7.10
C ALA B 118 -9.69 -17.99 -8.04
N GLY B 119 -9.35 -18.48 -9.23
CA GLY B 119 -10.36 -18.86 -10.22
C GLY B 119 -10.66 -17.74 -11.20
N LYS B 120 -10.12 -16.55 -10.93
CA LYS B 120 -10.41 -15.39 -11.74
C LYS B 120 -9.13 -14.78 -12.28
N THR B 121 -8.17 -14.44 -11.40
CA THR B 121 -6.92 -13.88 -11.90
C THR B 121 -5.75 -14.86 -11.76
N PHE B 122 -5.94 -15.90 -10.97
CA PHE B 122 -4.94 -16.99 -10.89
C PHE B 122 -5.70 -18.25 -10.50
N LYS B 123 -5.10 -19.41 -10.73
CA LYS B 123 -5.68 -20.68 -10.23
C LYS B 123 -4.61 -21.51 -9.54
N TYR B 124 -5.02 -22.31 -8.57
CA TYR B 124 -4.08 -23.22 -7.89
C TYR B 124 -3.90 -24.46 -8.77
N THR B 125 -2.69 -24.98 -8.79
CA THR B 125 -2.38 -26.26 -9.43
C THR B 125 -1.49 -27.06 -8.48
N PRO B 126 -1.30 -28.36 -8.76
CA PRO B 126 -0.37 -29.14 -7.92
C PRO B 126 1.06 -28.60 -7.94
N GLU B 127 1.40 -27.80 -8.96
CA GLU B 127 2.73 -27.22 -9.11
C GLU B 127 2.90 -25.80 -8.64
N GLY B 128 1.82 -25.23 -8.11
CA GLY B 128 1.84 -23.85 -7.61
C GLY B 128 0.87 -22.99 -8.38
N PRO B 129 0.71 -21.71 -7.95
CA PRO B 129 -0.28 -20.85 -8.62
C PRO B 129 0.13 -20.50 -10.05
N VAL B 130 -0.84 -20.42 -10.96
CA VAL B 130 -0.61 -19.95 -12.31
C VAL B 130 -1.55 -18.77 -12.65
N GLY B 131 -0.99 -17.72 -13.26
CA GLY B 131 -1.76 -16.53 -13.59
C GLY B 131 -2.74 -16.79 -14.73
N LEU B 132 -3.88 -16.10 -14.74
CA LEU B 132 -4.91 -16.30 -15.78
C LEU B 132 -5.09 -15.13 -16.75
N ILE B 133 -4.28 -14.07 -16.60
CA ILE B 133 -4.42 -12.90 -17.47
C ILE B 133 -3.32 -12.74 -18.55
N GLY B 134 -2.68 -13.86 -18.90
CA GLY B 134 -1.64 -13.87 -19.94
C GLY B 134 -2.00 -13.24 -21.28
N ASP B 135 -3.29 -13.17 -21.60
CA ASP B 135 -3.73 -12.57 -22.88
C ASP B 135 -3.95 -11.04 -22.85
N LYS B 136 -3.83 -10.44 -21.66
CA LYS B 136 -4.11 -9.01 -21.48
C LYS B 136 -2.83 -8.22 -21.65
N LYS B 137 -2.89 -7.08 -22.34
CA LYS B 137 -1.76 -6.18 -22.46
C LYS B 137 -1.85 -5.15 -21.37
N ILE B 138 -0.76 -4.93 -20.66
CA ILE B 138 -0.79 -3.98 -19.53
C ILE B 138 0.27 -2.89 -19.72
N ALA B 139 -0.08 -1.63 -19.42
CA ALA B 139 0.89 -0.53 -19.39
C ALA B 139 0.89 0.12 -17.99
N LEU B 140 2.09 0.38 -17.47
CA LEU B 140 2.26 1.06 -16.17
C LEU B 140 2.86 2.42 -16.45
N LEU B 141 2.14 3.45 -16.06
CA LEU B 141 2.61 4.83 -16.27
C LEU B 141 2.87 5.44 -14.90
N ASN B 142 4.13 5.78 -14.60
CA ASN B 142 4.50 6.23 -13.25
C ASN B 142 5.35 7.50 -13.31
N ALA B 143 5.13 8.40 -12.35
CA ALA B 143 6.03 9.54 -12.14
C ALA B 143 6.53 9.50 -10.70
N ARG B 144 7.79 9.89 -10.51
CA ARG B 144 8.40 9.88 -9.15
C ARG B 144 9.43 11.01 -9.04
N GLY B 145 9.44 11.68 -7.91
CA GLY B 145 10.16 12.96 -7.86
C GLY B 145 11.67 12.74 -7.94
N GLY B 146 12.14 11.75 -7.19
CA GLY B 146 13.55 11.42 -7.18
C GLY B 146 13.84 10.32 -8.16
N VAL B 147 15.13 10.03 -8.35
CA VAL B 147 15.49 8.90 -9.24
C VAL B 147 15.49 7.61 -8.43
N TYR B 148 14.77 6.59 -8.93
CA TYR B 148 14.70 5.27 -8.26
C TYR B 148 15.24 4.13 -9.11
N SER B 149 15.67 4.43 -10.34
CA SER B 149 16.23 3.37 -11.21
C SER B 149 17.71 3.07 -10.92
N GLU B 150 18.34 3.96 -10.16
CA GLU B 150 19.74 3.83 -9.75
C GLU B 150 19.95 4.69 -8.51
N GLY B 151 21.11 4.59 -7.89
CA GLY B 151 21.38 5.42 -6.73
C GLY B 151 20.84 4.82 -5.44
N PRO B 152 21.04 5.53 -4.32
CA PRO B 152 20.72 4.97 -3.00
C PRO B 152 19.24 4.69 -2.72
N ALA B 153 18.33 5.32 -3.47
CA ALA B 153 16.87 5.11 -3.28
C ALA B 153 16.35 3.88 -4.04
N ALA B 154 17.12 3.38 -5.00
CA ALA B 154 16.65 2.28 -5.84
C ALA B 154 16.16 1.08 -5.06
N GLU B 155 16.82 0.77 -3.94
CA GLU B 155 16.45 -0.40 -3.15
C GLU B 155 15.12 -0.27 -2.41
N VAL B 156 14.55 0.94 -2.34
CA VAL B 156 13.26 1.16 -1.64
C VAL B 156 12.13 1.58 -2.60
N GLU B 157 12.34 1.44 -3.91
CA GLU B 157 11.23 1.69 -4.85
C GLU B 157 10.13 0.63 -4.69
N MET B 158 8.92 1.04 -4.32
CA MET B 158 7.85 0.05 -4.04
C MET B 158 6.52 0.48 -4.67
N ALA B 159 6.63 1.25 -5.75
CA ALA B 159 5.43 1.64 -6.53
C ALA B 159 5.32 0.82 -7.80
N VAL B 160 6.18 1.09 -8.79
CA VAL B 160 6.22 0.27 -10.02
C VAL B 160 6.49 -1.19 -9.65
N LYS B 161 7.41 -1.40 -8.71
CA LYS B 161 7.75 -2.78 -8.32
C LYS B 161 6.54 -3.52 -7.77
N TYR B 162 5.70 -2.79 -7.03
CA TYR B 162 4.50 -3.43 -6.44
C TYR B 162 3.50 -3.82 -7.55
N VAL B 163 3.18 -2.88 -8.45
CA VAL B 163 2.17 -3.17 -9.46
C VAL B 163 2.69 -4.24 -10.45
N ALA B 164 3.96 -4.13 -10.85
CA ALA B 164 4.51 -5.12 -11.78
C ALA B 164 4.58 -6.51 -11.14
N SER B 165 4.91 -6.59 -9.85
CA SER B 165 4.94 -7.88 -9.15
C SER B 165 3.54 -8.52 -9.12
N MET B 166 2.51 -7.73 -8.81
CA MET B 166 1.17 -8.32 -8.71
C MET B 166 0.62 -8.68 -10.08
N MET B 167 0.80 -7.79 -11.05
CA MET B 167 0.34 -8.12 -12.40
C MET B 167 1.06 -9.36 -12.95
N GLY B 168 2.35 -9.49 -12.65
CA GLY B 168 3.13 -10.66 -13.05
C GLY B 168 2.58 -11.93 -12.43
N PHE B 169 2.22 -11.85 -11.13
CA PHE B 169 1.60 -12.99 -10.45
C PHE B 169 0.30 -13.42 -11.15
N PHE B 170 -0.51 -12.43 -11.57
CA PHE B 170 -1.76 -12.69 -12.30
C PHE B 170 -1.50 -13.22 -13.72
N GLY B 171 -0.26 -13.22 -14.17
CA GLY B 171 0.11 -13.84 -15.47
C GLY B 171 0.39 -12.89 -16.61
N ALA B 172 0.34 -11.58 -16.35
CA ALA B 172 0.63 -10.59 -17.39
C ALA B 172 2.10 -10.70 -17.85
N THR B 173 2.31 -10.66 -19.16
CA THR B 173 3.68 -10.70 -19.70
C THR B 173 3.88 -9.57 -20.70
N ASN B 174 5.13 -9.17 -20.90
CA ASN B 174 5.45 -8.09 -21.87
C ASN B 174 4.69 -6.77 -21.58
N MET B 175 4.51 -6.48 -20.30
CA MET B 175 3.95 -5.19 -19.86
C MET B 175 4.87 -4.08 -20.34
N GLU B 176 4.28 -2.95 -20.70
CA GLU B 176 5.03 -1.75 -21.09
C GLU B 176 5.10 -0.87 -19.85
N THR B 177 6.19 -0.13 -19.70
CA THR B 177 6.32 0.81 -18.59
C THR B 177 6.83 2.15 -19.14
N VAL B 178 6.20 3.25 -18.73
CA VAL B 178 6.70 4.60 -19.00
C VAL B 178 6.88 5.25 -17.64
N ILE B 179 8.13 5.65 -17.34
CA ILE B 179 8.48 6.23 -16.06
C ILE B 179 9.09 7.62 -16.27
N ILE B 180 8.52 8.63 -15.60
CA ILE B 180 9.12 9.99 -15.52
C ILE B 180 9.69 10.12 -14.10
N GLU B 181 11.01 10.23 -13.97
CA GLU B 181 11.63 10.31 -12.65
C GLU B 181 12.70 11.39 -12.55
N GLY B 182 12.88 11.92 -11.36
CA GLY B 182 13.97 12.87 -11.13
C GLY B 182 13.68 14.36 -11.27
N HIS B 183 12.47 14.71 -11.71
CA HIS B 183 12.11 16.11 -11.88
C HIS B 183 12.15 16.95 -10.63
N ASN B 184 11.96 16.34 -9.45
CA ASN B 184 12.10 17.10 -8.20
C ASN B 184 13.52 17.12 -7.72
N GLN B 185 14.22 16.02 -7.98
CA GLN B 185 15.60 15.89 -7.54
C GLN B 185 16.56 16.72 -8.38
N PHE B 186 16.23 16.91 -9.66
CA PHE B 186 17.07 17.68 -10.59
C PHE B 186 16.19 18.77 -11.20
N PRO B 187 15.80 19.75 -10.39
CA PRO B 187 14.80 20.73 -10.84
C PRO B 187 15.23 21.58 -12.05
N ASP B 188 16.54 21.79 -12.21
CA ASP B 188 17.02 22.52 -13.40
C ASP B 188 16.66 21.84 -14.73
N LYS B 189 16.51 20.51 -14.71
CA LYS B 189 16.19 19.73 -15.91
C LYS B 189 14.72 19.22 -15.92
N ALA B 190 13.90 19.71 -14.99
CA ALA B 190 12.53 19.16 -14.83
C ALA B 190 11.71 19.28 -16.10
N GLU B 191 11.81 20.42 -16.78
CA GLU B 191 10.97 20.63 -17.96
C GLU B 191 11.30 19.61 -19.05
N GLU B 192 12.59 19.35 -19.24
CA GLU B 192 13.05 18.41 -20.26
C GLU B 192 12.80 16.98 -19.84
N ILE B 193 12.93 16.69 -18.54
CA ILE B 193 12.61 15.33 -18.04
C ILE B 193 11.13 14.99 -18.30
N ILE B 194 10.25 15.95 -18.01
CA ILE B 194 8.83 15.73 -18.17
C ILE B 194 8.43 15.63 -19.65
N ALA B 195 8.92 16.57 -20.47
CA ALA B 195 8.69 16.51 -21.92
C ALA B 195 9.14 15.16 -22.54
N ALA B 196 10.30 14.67 -22.12
CA ALA B 196 10.81 13.41 -22.66
C ALA B 196 9.89 12.23 -22.36
N GLY B 197 9.31 12.23 -21.15
CA GLY B 197 8.31 11.23 -20.75
C GLY B 197 7.04 11.33 -21.56
N LEU B 198 6.60 12.56 -21.82
CA LEU B 198 5.40 12.75 -22.64
C LEU B 198 5.63 12.25 -24.09
N GLU B 199 6.82 12.47 -24.64
CA GLU B 199 7.19 11.93 -25.98
C GLU B 199 7.20 10.40 -26.00
N GLU B 200 7.82 9.81 -24.97
CA GLU B 200 7.86 8.36 -24.80
C GLU B 200 6.42 7.82 -24.69
N ALA B 201 5.58 8.50 -23.91
CA ALA B 201 4.15 8.10 -23.80
C ALA B 201 3.44 8.07 -25.15
N ALA B 202 3.67 9.12 -25.94
CA ALA B 202 3.07 9.18 -27.25
C ALA B 202 3.52 8.00 -28.12
N LYS B 203 4.81 7.68 -28.08
CA LYS B 203 5.33 6.58 -28.91
C LYS B 203 4.77 5.22 -28.48
N VAL B 204 4.76 4.98 -27.17
CA VAL B 204 4.21 3.73 -26.63
C VAL B 204 2.72 3.62 -26.88
N ALA B 205 1.97 4.72 -26.69
CA ALA B 205 0.52 4.68 -26.87
C ALA B 205 0.12 4.35 -28.31
N SER B 206 0.94 4.81 -29.27
CA SER B 206 0.68 4.54 -30.69
C SER B 206 0.78 3.07 -31.07
N LYS B 207 1.65 2.34 -30.37
CA LYS B 207 1.91 0.93 -30.62
C LYS B 207 1.13 0.00 -29.70
N PHE B 208 0.53 0.55 -28.65
CA PHE B 208 -0.06 -0.25 -27.58
C PHE B 208 -1.38 -0.88 -28.03
#